data_2CUY
#
_entry.id   2CUY
#
_cell.length_a   121.907
_cell.length_b   121.907
_cell.length_c   114.916
_cell.angle_alpha   90.00
_cell.angle_beta   90.00
_cell.angle_gamma   120.00
#
_symmetry.space_group_name_H-M   'P 32 2 1'
#
loop_
_entity.id
_entity.type
_entity.pdbx_description
1 polymer 'Malonyl CoA-[acyl carrier protein] transacylase'
2 water water
#
_entity_poly.entity_id   1
_entity_poly.type   'polypeptide(L)'
_entity_poly.pdbx_seq_one_letter_code
;MYAALFPGQGSHRVGMGRALYEASPAAKEVLDRAEAALPGLLKLMWEGPEEALTLTENQQPALLAAGYAAYRAFLEAGGK
PPALAAGHSLGEWTAHVAAGTLELEDALRLVRLRGRYMQEAVPVGEGAMAAVLKLPLEEIQKALEGLEGVEIANLNAPEQ
TVISGRRQAVEEAAERLKERRARVVFLPVSAPFHSSLMAPARKRLAEDLAQVPLRRPRFPVYSNVTARPEEDPERIRALL
LEQITAPVRWVEILRDMEARGVKRFLEFGSGEVLKGLVLRTLKEAEALSVQDPDSLRKALEVERA
;
_entity_poly.pdbx_strand_id   A,B
#
# COMPACT_ATOMS: atom_id res chain seq x y z
N MET A 1 4.68 27.90 -12.93
CA MET A 1 4.09 27.75 -11.57
C MET A 1 3.38 26.40 -11.43
N TYR A 2 3.26 25.95 -10.20
CA TYR A 2 2.63 24.67 -9.93
C TYR A 2 2.08 24.72 -8.51
N ALA A 3 1.24 23.74 -8.18
CA ALA A 3 0.65 23.61 -6.86
C ALA A 3 1.34 22.41 -6.24
N ALA A 4 1.74 22.52 -4.98
CA ALA A 4 2.39 21.41 -4.30
C ALA A 4 1.32 20.57 -3.57
N LEU A 5 1.37 19.26 -3.75
CA LEU A 5 0.39 18.35 -3.13
C LEU A 5 1.10 17.31 -2.28
N PHE A 6 0.57 17.05 -1.08
CA PHE A 6 1.21 16.07 -0.20
C PHE A 6 0.24 14.95 0.16
N PRO A 7 0.68 13.70 -0.07
CA PRO A 7 -0.11 12.50 0.18
C PRO A 7 -0.50 12.21 1.62
N GLY A 8 -1.50 11.35 1.76
CA GLY A 8 -2.01 10.94 3.04
C GLY A 8 -1.89 9.43 3.21
N GLN A 9 -2.68 8.90 4.14
CA GLN A 9 -2.63 7.48 4.44
C GLN A 9 -2.76 6.53 3.25
N GLY A 10 -1.89 5.53 3.24
CA GLY A 10 -1.89 4.53 2.19
C GLY A 10 -0.80 4.77 1.15
N SER A 11 -0.24 5.98 1.14
CA SER A 11 0.80 6.30 0.18
C SER A 11 2.19 5.92 0.66
N HIS A 12 2.28 5.43 1.89
CA HIS A 12 3.56 5.03 2.45
C HIS A 12 4.02 3.71 1.81
N ARG A 13 5.29 3.38 2.00
CA ARG A 13 5.89 2.16 1.46
C ARG A 13 7.29 2.06 2.07
N VAL A 14 7.74 0.84 2.34
CA VAL A 14 9.08 0.67 2.88
C VAL A 14 10.06 1.12 1.80
N GLY A 15 11.04 1.92 2.21
CA GLY A 15 12.02 2.43 1.26
C GLY A 15 11.72 3.90 0.95
N MET A 16 10.54 4.38 1.34
CA MET A 16 10.17 5.76 1.07
C MET A 16 11.22 6.77 1.54
N GLY A 17 11.58 7.68 0.64
CA GLY A 17 12.55 8.73 0.96
C GLY A 17 14.02 8.37 0.98
N ARG A 18 14.35 7.08 0.92
CA ARG A 18 15.75 6.66 0.96
C ARG A 18 16.61 7.18 -0.21
N ALA A 19 16.09 7.04 -1.43
CA ALA A 19 16.84 7.48 -2.61
C ALA A 19 17.15 8.97 -2.52
N LEU A 20 16.15 9.78 -2.21
CA LEU A 20 16.35 11.23 -2.06
C LEU A 20 17.34 11.53 -0.94
N TYR A 21 17.21 10.77 0.15
CA TYR A 21 18.09 10.94 1.30
C TYR A 21 19.56 10.82 0.87
N GLU A 22 19.83 9.85 0.01
CA GLU A 22 21.19 9.62 -0.46
C GLU A 22 21.65 10.62 -1.53
N ALA A 23 20.71 11.20 -2.26
CA ALA A 23 21.06 12.13 -3.33
C ALA A 23 20.84 13.60 -3.04
N SER A 24 20.26 13.92 -1.88
CA SER A 24 19.99 15.31 -1.56
C SER A 24 20.35 15.68 -0.13
N PRO A 25 21.29 16.62 0.04
CA PRO A 25 21.73 17.09 1.35
C PRO A 25 20.55 17.68 2.13
N ALA A 26 19.63 18.32 1.41
CA ALA A 26 18.45 18.93 2.02
C ALA A 26 17.52 17.84 2.54
N ALA A 27 17.25 16.83 1.72
CA ALA A 27 16.37 15.75 2.16
C ALA A 27 17.03 15.06 3.36
N LYS A 28 18.34 14.86 3.28
CA LYS A 28 19.06 14.21 4.36
C LYS A 28 18.85 14.92 5.70
N GLU A 29 18.92 16.26 5.66
CA GLU A 29 18.76 17.06 6.88
C GLU A 29 17.34 16.91 7.46
N VAL A 30 16.34 17.04 6.60
CA VAL A 30 14.95 16.91 7.04
C VAL A 30 14.76 15.56 7.74
N LEU A 31 15.15 14.48 7.05
CA LEU A 31 14.99 13.15 7.58
C LEU A 31 15.77 12.89 8.86
N ASP A 32 16.98 13.43 8.97
CA ASP A 32 17.75 13.26 10.19
C ASP A 32 17.02 13.96 11.33
N ARG A 33 16.55 15.17 11.07
CA ARG A 33 15.80 15.93 12.08
C ARG A 33 14.59 15.08 12.52
N ALA A 34 14.00 14.37 11.57
CA ALA A 34 12.85 13.52 11.86
C ALA A 34 13.24 12.37 12.79
N GLU A 35 14.42 11.80 12.53
CA GLU A 35 14.93 10.70 13.35
C GLU A 35 15.09 11.20 14.77
N ALA A 36 15.82 12.29 14.91
CA ALA A 36 16.07 12.88 16.22
C ALA A 36 14.75 13.13 16.97
N ALA A 37 13.76 13.64 16.25
CA ALA A 37 12.45 13.94 16.85
C ALA A 37 11.72 12.67 17.27
N LEU A 38 11.68 11.68 16.38
CA LEU A 38 11.00 10.42 16.65
C LEU A 38 11.95 9.25 16.38
N PRO A 39 12.82 8.93 17.35
CA PRO A 39 13.78 7.82 17.19
C PRO A 39 13.13 6.54 16.66
N GLY A 40 13.80 5.91 15.69
CA GLY A 40 13.29 4.67 15.12
C GLY A 40 12.45 4.89 13.88
N LEU A 41 12.12 6.15 13.58
CA LEU A 41 11.31 6.46 12.40
C LEU A 41 11.92 5.95 11.09
N LEU A 42 13.18 6.28 10.85
CA LEU A 42 13.86 5.86 9.62
C LEU A 42 13.90 4.35 9.42
N LYS A 43 14.13 3.61 10.51
CA LYS A 43 14.17 2.16 10.38
C LYS A 43 12.84 1.66 9.87
N LEU A 44 11.75 2.18 10.43
CA LEU A 44 10.42 1.80 10.00
C LEU A 44 10.20 2.17 8.52
N MET A 45 10.65 3.36 8.15
CA MET A 45 10.48 3.84 6.79
C MET A 45 11.29 3.09 5.75
N TRP A 46 12.51 2.70 6.10
CA TRP A 46 13.39 2.02 5.15
C TRP A 46 13.47 0.50 5.19
N GLU A 47 13.12 -0.12 6.32
CA GLU A 47 13.17 -1.58 6.21
C GLU A 47 11.98 -2.28 6.88
N GLY A 48 10.98 -1.46 7.25
CA GLY A 48 9.76 -2.03 7.82
C GLY A 48 9.96 -2.52 9.24
N PRO A 49 9.25 -3.62 9.59
CA PRO A 49 8.31 -4.25 8.67
C PRO A 49 7.20 -3.33 8.11
N GLU A 50 6.81 -3.62 6.86
CA GLU A 50 5.81 -2.76 6.23
C GLU A 50 4.48 -2.73 7.00
N GLU A 51 4.16 -3.81 7.71
CA GLU A 51 3.01 -3.84 8.61
C GLU A 51 3.19 -2.85 9.74
N ALA A 52 4.38 -2.82 10.33
CA ALA A 52 4.66 -1.91 11.42
C ALA A 52 4.62 -0.46 10.93
N LEU A 53 5.09 -0.22 9.72
CA LEU A 53 5.11 1.12 9.13
C LEU A 53 3.67 1.54 8.88
N THR A 54 2.86 0.58 8.48
CA THR A 54 1.45 0.81 8.18
C THR A 54 0.64 1.21 9.42
N LEU A 55 1.16 0.94 10.62
CA LEU A 55 0.44 1.41 11.80
C LEU A 55 0.22 2.91 11.68
N THR A 56 -1.06 3.32 11.87
CA THR A 56 -1.41 4.71 11.65
C THR A 56 -0.41 5.67 12.31
N GLU A 57 -0.01 5.32 13.54
CA GLU A 57 0.84 6.25 14.30
C GLU A 57 2.27 6.31 13.76
N ASN A 58 2.64 5.43 12.84
CA ASN A 58 3.98 5.46 12.27
C ASN A 58 3.88 6.03 10.87
N GLN A 59 2.88 5.54 10.16
CA GLN A 59 2.60 5.94 8.79
C GLN A 59 2.49 7.47 8.63
N GLN A 60 1.72 8.10 9.50
CA GLN A 60 1.52 9.54 9.40
C GLN A 60 2.79 10.37 9.51
N PRO A 61 3.61 10.14 10.55
CA PRO A 61 4.84 10.93 10.63
C PRO A 61 5.80 10.59 9.50
N ALA A 62 5.76 9.34 9.04
CA ALA A 62 6.62 8.89 7.96
C ALA A 62 6.32 9.67 6.69
N LEU A 63 5.04 9.75 6.36
CA LEU A 63 4.60 10.47 5.15
C LEU A 63 4.92 11.95 5.20
N LEU A 64 4.78 12.56 6.38
CA LEU A 64 5.05 13.97 6.50
C LEU A 64 6.54 14.22 6.32
N ALA A 65 7.38 13.42 6.99
CA ALA A 65 8.83 13.59 6.89
C ALA A 65 9.30 13.39 5.45
N ALA A 66 8.73 12.39 4.76
CA ALA A 66 9.10 12.11 3.38
C ALA A 66 8.63 13.23 2.45
N GLY A 67 7.41 13.71 2.67
CA GLY A 67 6.89 14.79 1.86
C GLY A 67 7.76 16.03 1.98
N TYR A 68 8.01 16.46 3.21
CA TYR A 68 8.84 17.65 3.41
C TYR A 68 10.26 17.44 2.86
N ALA A 69 10.80 16.24 3.04
CA ALA A 69 12.14 15.94 2.55
C ALA A 69 12.20 16.11 1.03
N ALA A 70 11.25 15.49 0.34
CA ALA A 70 11.22 15.58 -1.11
C ALA A 70 11.07 17.04 -1.56
N TYR A 71 10.24 17.80 -0.86
CA TYR A 71 10.02 19.20 -1.19
C TYR A 71 11.32 20.02 -1.07
N ARG A 72 12.02 19.85 0.05
CA ARG A 72 13.27 20.57 0.27
C ARG A 72 14.31 20.14 -0.75
N ALA A 73 14.33 18.86 -1.12
CA ALA A 73 15.27 18.38 -2.12
C ALA A 73 15.01 19.12 -3.43
N PHE A 74 13.74 19.30 -3.75
CA PHE A 74 13.30 19.99 -4.97
C PHE A 74 13.78 21.45 -4.96
N LEU A 75 13.58 22.13 -3.83
CA LEU A 75 14.03 23.52 -3.73
C LEU A 75 15.53 23.58 -3.85
N GLU A 76 16.24 22.69 -3.15
CA GLU A 76 17.69 22.63 -3.20
C GLU A 76 18.22 22.44 -4.63
N ALA A 77 17.55 21.61 -5.42
CA ALA A 77 17.98 21.39 -6.79
C ALA A 77 17.64 22.56 -7.71
N GLY A 78 17.08 23.63 -7.14
CA GLY A 78 16.75 24.80 -7.96
C GLY A 78 15.28 24.98 -8.26
N GLY A 79 14.43 24.12 -7.72
CA GLY A 79 13.00 24.27 -7.97
C GLY A 79 12.48 25.45 -7.17
N LYS A 80 11.40 26.06 -7.62
CA LYS A 80 10.81 27.19 -6.91
C LYS A 80 9.64 26.74 -6.02
N PRO A 81 9.30 27.54 -5.00
CA PRO A 81 8.18 27.18 -4.14
C PRO A 81 6.90 27.18 -4.97
N PRO A 82 5.83 26.56 -4.44
CA PRO A 82 4.56 26.49 -5.15
C PRO A 82 3.75 27.79 -5.01
N ALA A 83 2.85 27.99 -5.95
CA ALA A 83 1.98 29.15 -5.92
C ALA A 83 0.95 28.89 -4.83
N LEU A 84 0.54 27.63 -4.72
CA LEU A 84 -0.45 27.18 -3.74
C LEU A 84 -0.11 25.75 -3.29
N ALA A 85 -0.61 25.34 -2.13
CA ALA A 85 -0.35 24.00 -1.62
C ALA A 85 -1.58 23.38 -0.96
N ALA A 86 -1.59 22.05 -0.91
CA ALA A 86 -2.67 21.29 -0.30
C ALA A 86 -2.14 19.91 0.04
N GLY A 87 -2.87 19.22 0.92
CA GLY A 87 -2.48 17.89 1.34
C GLY A 87 -3.74 17.11 1.68
N HIS A 88 -3.71 15.81 1.38
CA HIS A 88 -4.83 14.93 1.62
C HIS A 88 -4.79 14.39 3.07
N SER A 89 -5.71 14.87 3.90
CA SER A 89 -5.81 14.47 5.31
C SER A 89 -4.49 14.77 6.04
N LEU A 90 -3.71 13.74 6.35
CA LEU A 90 -2.41 13.94 7.00
C LEU A 90 -1.57 14.92 6.17
N GLY A 91 -1.73 14.84 4.85
CA GLY A 91 -0.99 15.68 3.94
C GLY A 91 -1.13 17.17 4.13
N GLU A 92 -2.25 17.60 4.72
CA GLU A 92 -2.48 19.02 4.95
C GLU A 92 -1.44 19.52 5.95
N TRP A 93 -1.09 18.68 6.91
CA TRP A 93 -0.08 19.07 7.88
C TRP A 93 1.26 19.24 7.20
N THR A 94 1.56 18.33 6.27
CA THR A 94 2.82 18.39 5.53
C THR A 94 2.91 19.69 4.74
N ALA A 95 1.80 20.05 4.11
CA ALA A 95 1.76 21.27 3.33
C ALA A 95 2.08 22.44 4.26
N HIS A 96 1.52 22.40 5.47
CA HIS A 96 1.77 23.48 6.42
C HIS A 96 3.22 23.56 6.87
N VAL A 97 3.88 22.41 6.98
CA VAL A 97 5.29 22.41 7.35
C VAL A 97 6.04 23.03 6.18
N ALA A 98 5.69 22.62 4.96
CA ALA A 98 6.34 23.16 3.77
C ALA A 98 6.21 24.69 3.69
N ALA A 99 5.03 25.20 4.04
CA ALA A 99 4.76 26.62 4.00
C ALA A 99 5.31 27.39 5.21
N GLY A 100 5.86 26.67 6.17
CA GLY A 100 6.42 27.31 7.35
C GLY A 100 5.41 27.68 8.41
N THR A 101 4.20 27.13 8.32
CA THR A 101 3.21 27.41 9.36
C THR A 101 3.55 26.68 10.67
N LEU A 102 4.01 25.43 10.50
CA LEU A 102 4.37 24.57 11.63
C LEU A 102 5.85 24.22 11.55
N GLU A 103 6.51 24.09 12.72
CA GLU A 103 7.86 23.55 12.66
C GLU A 103 7.80 22.05 12.37
N LEU A 104 8.80 21.51 11.66
CA LEU A 104 8.82 20.09 11.33
C LEU A 104 8.66 19.21 12.58
N GLU A 105 9.54 19.39 13.56
CA GLU A 105 9.49 18.61 14.79
C GLU A 105 8.13 18.60 15.51
N ASP A 106 7.50 19.78 15.60
CA ASP A 106 6.20 19.86 16.25
C ASP A 106 5.17 19.08 15.43
N ALA A 107 5.26 19.22 14.11
CA ALA A 107 4.34 18.57 13.21
C ALA A 107 4.45 17.05 13.39
N LEU A 108 5.67 16.52 13.34
CA LEU A 108 5.87 15.09 13.50
C LEU A 108 5.29 14.59 14.81
N ARG A 109 5.59 15.28 15.92
CA ARG A 109 5.05 14.86 17.21
C ARG A 109 3.52 14.86 17.19
N LEU A 110 2.95 15.91 16.62
CA LEU A 110 1.49 16.05 16.54
C LEU A 110 0.81 14.99 15.68
N VAL A 111 1.38 14.64 14.53
CA VAL A 111 0.71 13.65 13.69
C VAL A 111 0.87 12.24 14.22
N ARG A 112 1.95 11.99 14.96
CA ARG A 112 2.10 10.67 15.56
C ARG A 112 0.95 10.54 16.55
N LEU A 113 0.68 11.63 17.28
CA LEU A 113 -0.42 11.64 18.24
C LEU A 113 -1.75 11.51 17.50
N ARG A 114 -1.92 12.30 16.43
CA ARG A 114 -3.14 12.26 15.61
C ARG A 114 -3.42 10.81 15.18
N GLY A 115 -2.39 10.13 14.67
CA GLY A 115 -2.58 8.76 14.22
C GLY A 115 -2.99 7.85 15.38
N ARG A 116 -2.28 7.96 16.50
CA ARG A 116 -2.62 7.14 17.67
C ARG A 116 -4.06 7.38 18.16
N TYR A 117 -4.44 8.65 18.34
CA TYR A 117 -5.77 9.05 18.74
C TYR A 117 -6.83 8.43 17.83
N MET A 118 -6.56 8.63 16.54
CA MET A 118 -7.48 8.18 15.51
C MET A 118 -7.68 6.67 15.54
N GLN A 119 -6.60 5.93 15.71
CA GLN A 119 -6.69 4.47 15.73
C GLN A 119 -7.46 3.94 16.93
N GLU A 120 -7.18 4.48 18.11
CA GLU A 120 -7.87 4.00 19.30
C GLU A 120 -9.21 4.68 19.58
N ALA A 121 -9.77 5.36 18.59
CA ALA A 121 -11.05 6.04 18.75
C ALA A 121 -12.23 5.05 18.69
N VAL A 122 -12.17 4.12 17.74
CA VAL A 122 -13.22 3.14 17.54
C VAL A 122 -12.71 1.72 17.79
N PRO A 123 -13.53 0.88 18.45
CA PRO A 123 -13.14 -0.50 18.74
C PRO A 123 -12.95 -1.28 17.43
N VAL A 124 -11.85 -2.03 17.35
CA VAL A 124 -11.57 -2.82 16.17
C VAL A 124 -12.78 -3.65 15.77
N GLY A 125 -13.22 -3.49 14.51
CA GLY A 125 -14.36 -4.24 14.03
C GLY A 125 -15.65 -3.43 13.97
N GLU A 126 -15.71 -2.34 14.73
CA GLU A 126 -16.91 -1.53 14.74
C GLU A 126 -16.92 -0.44 13.66
N GLY A 127 -15.81 -0.31 12.94
CA GLY A 127 -15.74 0.71 11.90
C GLY A 127 -15.25 0.18 10.57
N ALA A 128 -15.50 0.95 9.52
CA ALA A 128 -15.06 0.57 8.19
C ALA A 128 -15.12 1.75 7.21
N MET A 129 -14.36 1.63 6.13
CA MET A 129 -14.32 2.64 5.09
C MET A 129 -14.38 1.90 3.76
N ALA A 130 -14.99 2.51 2.76
CA ALA A 130 -15.09 1.85 1.48
C ALA A 130 -15.10 2.88 0.35
N ALA A 131 -14.44 2.53 -0.75
CA ALA A 131 -14.41 3.37 -1.92
C ALA A 131 -15.50 2.98 -2.93
N VAL A 132 -16.22 4.02 -3.37
CA VAL A 132 -17.32 3.87 -4.32
C VAL A 132 -16.93 4.43 -5.68
N LEU A 133 -16.84 3.56 -6.72
CA LEU A 133 -16.44 4.06 -8.04
C LEU A 133 -17.54 3.91 -9.10
N LYS A 134 -17.43 4.68 -10.17
CA LYS A 134 -18.36 4.64 -11.28
C LYS A 134 -19.75 5.12 -10.92
N LEU A 135 -19.87 5.94 -9.87
CA LEU A 135 -21.16 6.45 -9.46
C LEU A 135 -21.07 7.92 -9.05
N PRO A 136 -21.83 8.80 -9.72
CA PRO A 136 -21.84 10.24 -9.43
C PRO A 136 -22.18 10.50 -7.96
N LEU A 137 -21.51 11.49 -7.38
CA LEU A 137 -21.73 11.85 -5.98
C LEU A 137 -23.20 11.90 -5.58
N GLU A 138 -24.01 12.61 -6.36
CA GLU A 138 -25.43 12.75 -6.08
C GLU A 138 -26.16 11.42 -5.87
N GLU A 139 -25.87 10.43 -6.70
CA GLU A 139 -26.52 9.14 -6.53
C GLU A 139 -26.07 8.49 -5.23
N ILE A 140 -24.80 8.68 -4.89
CA ILE A 140 -24.26 8.10 -3.66
C ILE A 140 -24.97 8.71 -2.46
N GLN A 141 -25.15 10.02 -2.49
CA GLN A 141 -25.83 10.71 -1.40
C GLN A 141 -27.27 10.23 -1.28
N LYS A 142 -27.93 10.07 -2.42
CA LYS A 142 -29.31 9.60 -2.44
C LYS A 142 -29.42 8.22 -1.82
N ALA A 143 -28.47 7.35 -2.16
CA ALA A 143 -28.46 5.98 -1.66
C ALA A 143 -28.09 5.86 -0.18
N LEU A 144 -27.49 6.91 0.38
CA LEU A 144 -27.09 6.88 1.78
C LEU A 144 -28.13 7.54 2.69
N GLU A 145 -29.13 8.16 2.09
CA GLU A 145 -30.18 8.83 2.84
C GLU A 145 -30.95 7.85 3.72
N GLY A 146 -31.20 8.25 4.95
CA GLY A 146 -31.92 7.39 5.87
C GLY A 146 -31.01 6.44 6.59
N LEU A 147 -29.82 6.21 6.02
CA LEU A 147 -28.85 5.30 6.63
C LEU A 147 -28.16 6.02 7.78
N GLU A 148 -28.05 5.35 8.92
CA GLU A 148 -27.41 5.94 10.09
C GLU A 148 -26.03 5.35 10.36
N GLY A 149 -25.09 6.23 10.68
CA GLY A 149 -23.74 5.77 10.97
C GLY A 149 -22.82 5.72 9.77
N VAL A 150 -23.29 6.20 8.62
CA VAL A 150 -22.49 6.21 7.41
C VAL A 150 -22.46 7.59 6.76
N GLU A 151 -21.27 8.05 6.38
CA GLU A 151 -21.13 9.36 5.74
C GLU A 151 -19.95 9.46 4.77
N ILE A 152 -19.97 10.50 3.95
CA ILE A 152 -18.92 10.74 2.97
C ILE A 152 -17.65 11.15 3.72
N ALA A 153 -16.56 10.44 3.46
CA ALA A 153 -15.29 10.71 4.11
C ALA A 153 -14.28 11.38 3.17
N ASN A 154 -14.25 10.90 1.90
CA ASN A 154 -13.31 11.49 0.95
C ASN A 154 -14.06 11.88 -0.34
N LEU A 155 -13.78 13.11 -0.84
CA LEU A 155 -14.19 13.45 -2.19
C LEU A 155 -12.97 13.48 -3.14
N ASN A 156 -12.45 12.32 -3.54
CA ASN A 156 -11.16 12.23 -4.24
C ASN A 156 -11.09 12.54 -5.72
N ALA A 157 -12.14 12.21 -6.46
CA ALA A 157 -12.21 12.48 -7.89
C ALA A 157 -13.64 12.23 -8.34
N PRO A 158 -14.06 12.83 -9.47
CA PRO A 158 -15.45 12.56 -9.85
C PRO A 158 -15.63 11.05 -10.02
N GLU A 159 -16.62 10.51 -9.34
CA GLU A 159 -16.90 9.08 -9.38
C GLU A 159 -15.81 8.25 -8.70
N GLN A 160 -15.27 8.83 -7.63
CA GLN A 160 -14.27 8.19 -6.80
C GLN A 160 -14.51 8.83 -5.42
N THR A 161 -15.41 8.20 -4.68
CA THR A 161 -15.83 8.68 -3.38
C THR A 161 -15.66 7.64 -2.29
N VAL A 162 -15.15 8.07 -1.13
CA VAL A 162 -14.96 7.16 -0.03
C VAL A 162 -15.99 7.45 1.06
N ILE A 163 -16.59 6.39 1.61
CA ILE A 163 -17.56 6.54 2.68
C ILE A 163 -17.01 5.83 3.90
N SER A 164 -17.54 6.12 5.08
CA SER A 164 -17.06 5.47 6.29
C SER A 164 -17.89 5.77 7.52
N GLY A 165 -17.73 4.92 8.53
CA GLY A 165 -18.47 5.08 9.77
C GLY A 165 -18.65 3.71 10.41
N ARG A 166 -19.85 3.41 10.91
CA ARG A 166 -20.09 2.12 11.53
C ARG A 166 -20.04 1.03 10.47
N ARG A 167 -19.28 -0.03 10.73
CA ARG A 167 -19.13 -1.13 9.77
C ARG A 167 -20.44 -1.59 9.15
N GLN A 168 -21.40 -1.95 9.99
CA GLN A 168 -22.69 -2.43 9.51
C GLN A 168 -23.35 -1.41 8.61
N ALA A 169 -23.25 -0.14 8.97
CA ALA A 169 -23.86 0.93 8.18
C ALA A 169 -23.18 1.01 6.81
N VAL A 170 -21.86 0.85 6.80
CA VAL A 170 -21.09 0.92 5.57
C VAL A 170 -21.41 -0.28 4.69
N GLU A 171 -21.51 -1.46 5.31
CA GLU A 171 -21.84 -2.67 4.55
C GLU A 171 -23.17 -2.48 3.85
N GLU A 172 -24.16 -1.98 4.59
CA GLU A 172 -25.49 -1.77 4.02
C GLU A 172 -25.48 -0.75 2.89
N ALA A 173 -24.64 0.27 3.03
CA ALA A 173 -24.55 1.27 1.98
C ALA A 173 -23.94 0.58 0.76
N ALA A 174 -22.91 -0.23 0.99
CA ALA A 174 -22.23 -0.97 -0.06
C ALA A 174 -23.24 -1.77 -0.88
N GLU A 175 -24.19 -2.40 -0.19
CA GLU A 175 -25.22 -3.19 -0.86
C GLU A 175 -26.07 -2.30 -1.77
N ARG A 176 -26.51 -1.17 -1.24
CA ARG A 176 -27.34 -0.25 -2.02
C ARG A 176 -26.60 0.29 -3.24
N LEU A 177 -25.37 0.76 -3.03
CA LEU A 177 -24.56 1.32 -4.11
C LEU A 177 -24.26 0.24 -5.16
N LYS A 178 -24.02 -0.97 -4.69
CA LYS A 178 -23.72 -2.08 -5.58
C LYS A 178 -24.90 -2.26 -6.53
N GLU A 179 -26.11 -2.31 -5.96
CA GLU A 179 -27.33 -2.47 -6.74
C GLU A 179 -27.46 -1.33 -7.75
N ARG A 180 -26.82 -0.20 -7.44
CA ARG A 180 -26.86 0.96 -8.32
C ARG A 180 -25.80 0.90 -9.42
N ARG A 181 -25.14 -0.25 -9.52
CA ARG A 181 -24.11 -0.49 -10.52
C ARG A 181 -22.77 0.15 -10.20
N ALA A 182 -22.56 0.48 -8.93
CA ALA A 182 -21.31 1.10 -8.52
C ALA A 182 -20.33 0.02 -8.12
N ARG A 183 -19.04 0.31 -8.26
CA ARG A 183 -18.00 -0.63 -7.88
C ARG A 183 -17.59 -0.23 -6.46
N VAL A 184 -17.89 -1.09 -5.50
CA VAL A 184 -17.56 -0.81 -4.11
C VAL A 184 -16.42 -1.71 -3.58
N VAL A 185 -15.42 -1.05 -2.96
CA VAL A 185 -14.25 -1.75 -2.45
C VAL A 185 -13.91 -1.30 -1.03
N PHE A 186 -14.02 -2.21 -0.05
CA PHE A 186 -13.62 -1.82 1.30
C PHE A 186 -12.11 -1.59 1.41
N LEU A 187 -11.74 -0.54 2.15
CA LEU A 187 -10.36 -0.18 2.39
C LEU A 187 -9.76 -1.01 3.53
N PRO A 188 -8.45 -1.26 3.49
CA PRO A 188 -7.74 -2.04 4.52
C PRO A 188 -7.57 -1.31 5.83
N VAL A 189 -8.59 -0.56 6.25
CA VAL A 189 -8.47 0.17 7.51
C VAL A 189 -9.54 -0.21 8.54
N SER A 190 -9.14 -0.16 9.80
CA SER A 190 -10.03 -0.49 10.91
C SER A 190 -10.69 0.77 11.48
N ALA A 191 -10.07 1.92 11.22
CA ALA A 191 -10.59 3.18 11.72
C ALA A 191 -11.40 3.94 10.68
N PRO A 192 -12.64 4.34 11.05
CA PRO A 192 -13.50 5.07 10.12
C PRO A 192 -13.05 6.54 10.06
N PHE A 193 -11.94 6.77 9.37
CA PHE A 193 -11.38 8.12 9.24
C PHE A 193 -12.38 9.11 8.63
N HIS A 194 -12.25 10.37 9.01
CA HIS A 194 -13.10 11.44 8.51
C HIS A 194 -14.60 11.18 8.62
N SER A 195 -15.01 10.75 9.81
CA SER A 195 -16.41 10.49 10.12
C SER A 195 -16.61 10.97 11.55
N SER A 196 -17.86 11.23 11.92
CA SER A 196 -18.18 11.71 13.26
C SER A 196 -17.66 10.78 14.35
N LEU A 197 -17.27 9.56 13.99
CA LEU A 197 -16.75 8.62 14.96
C LEU A 197 -15.32 8.98 15.38
N MET A 198 -14.72 9.92 14.67
CA MET A 198 -13.36 10.36 14.98
C MET A 198 -13.37 11.48 16.02
N ALA A 199 -14.58 11.94 16.37
CA ALA A 199 -14.75 13.02 17.35
C ALA A 199 -13.83 12.85 18.55
N PRO A 200 -13.76 11.64 19.14
CA PRO A 200 -12.89 11.46 20.30
C PRO A 200 -11.44 11.87 20.02
N ALA A 201 -10.95 11.53 18.83
CA ALA A 201 -9.59 11.84 18.46
C ALA A 201 -9.38 13.35 18.36
N ARG A 202 -10.34 14.04 17.74
CA ARG A 202 -10.23 15.48 17.57
C ARG A 202 -10.10 16.16 18.93
N LYS A 203 -11.05 15.90 19.82
CA LYS A 203 -11.02 16.49 21.15
C LYS A 203 -9.66 16.32 21.81
N ARG A 204 -9.09 15.13 21.74
CA ARG A 204 -7.79 14.90 22.34
C ARG A 204 -6.66 15.64 21.64
N LEU A 205 -6.69 15.69 20.31
CA LEU A 205 -5.62 16.38 19.60
C LEU A 205 -5.66 17.87 19.93
N ALA A 206 -6.85 18.41 20.15
CA ALA A 206 -7.03 19.82 20.48
C ALA A 206 -6.16 20.24 21.66
N GLU A 207 -6.03 19.36 22.64
CA GLU A 207 -5.23 19.66 23.83
C GLU A 207 -3.74 19.76 23.51
N ASP A 208 -3.25 18.87 22.64
CA ASP A 208 -1.85 18.88 22.23
C ASP A 208 -1.56 20.04 21.28
N LEU A 209 -2.44 20.25 20.32
CA LEU A 209 -2.26 21.32 19.33
C LEU A 209 -2.25 22.70 19.99
N ALA A 210 -2.97 22.83 21.10
CA ALA A 210 -3.06 24.10 21.83
C ALA A 210 -1.70 24.66 22.26
N GLN A 211 -0.75 23.78 22.56
CA GLN A 211 0.57 24.24 23.01
C GLN A 211 1.51 24.58 21.85
N VAL A 212 1.04 24.42 20.63
CA VAL A 212 1.92 24.67 19.48
C VAL A 212 1.75 26.01 18.80
N PRO A 213 2.87 26.72 18.59
CA PRO A 213 2.84 28.02 17.92
C PRO A 213 2.70 27.87 16.42
N LEU A 214 1.77 28.62 15.83
CA LEU A 214 1.53 28.58 14.40
C LEU A 214 1.84 29.96 13.81
N ARG A 215 2.42 29.96 12.61
CA ARG A 215 2.77 31.21 11.91
C ARG A 215 2.00 31.28 10.60
N ARG A 216 2.03 32.45 9.98
CA ARG A 216 1.34 32.63 8.71
C ARG A 216 2.13 31.86 7.64
N PRO A 217 1.44 31.06 6.81
CA PRO A 217 2.17 30.32 5.78
C PRO A 217 2.79 31.23 4.71
N ARG A 218 3.95 30.81 4.20
CA ARG A 218 4.66 31.54 3.15
C ARG A 218 3.81 31.63 1.88
N PHE A 219 3.01 30.61 1.63
CA PHE A 219 2.10 30.59 0.48
C PHE A 219 0.77 30.02 0.94
N PRO A 220 -0.33 30.35 0.24
CA PRO A 220 -1.64 29.82 0.66
C PRO A 220 -1.69 28.29 0.71
N VAL A 221 -2.28 27.77 1.79
CA VAL A 221 -2.44 26.34 1.98
C VAL A 221 -3.94 26.03 2.11
N TYR A 222 -4.44 25.15 1.25
CA TYR A 222 -5.86 24.79 1.28
C TYR A 222 -6.27 23.96 2.49
N SER A 223 -7.54 24.08 2.85
CA SER A 223 -8.12 23.31 3.95
C SER A 223 -9.05 22.26 3.36
N ASN A 224 -8.90 21.01 3.81
CA ASN A 224 -9.74 19.92 3.32
C ASN A 224 -11.20 20.20 3.73
N VAL A 225 -11.38 21.01 4.78
CA VAL A 225 -12.71 21.34 5.27
C VAL A 225 -13.41 22.38 4.41
N THR A 226 -12.75 23.50 4.16
CA THR A 226 -13.36 24.57 3.37
C THR A 226 -13.11 24.47 1.87
N ALA A 227 -12.12 23.69 1.45
CA ALA A 227 -11.76 23.57 0.04
C ALA A 227 -11.27 24.94 -0.45
N ARG A 228 -10.78 25.75 0.47
CA ARG A 228 -10.27 27.08 0.13
C ARG A 228 -8.94 27.38 0.80
N PRO A 229 -8.12 28.24 0.17
CA PRO A 229 -6.83 28.56 0.79
C PRO A 229 -7.05 29.23 2.13
N GLU A 230 -6.18 28.92 3.09
CA GLU A 230 -6.24 29.47 4.42
C GLU A 230 -4.85 30.01 4.79
N GLU A 231 -4.82 31.17 5.42
CA GLU A 231 -3.56 31.79 5.80
C GLU A 231 -3.55 32.33 7.23
N ASP A 232 -4.71 32.42 7.86
CA ASP A 232 -4.76 32.91 9.25
C ASP A 232 -4.42 31.77 10.20
N PRO A 233 -3.33 31.92 10.98
CA PRO A 233 -2.86 30.91 11.95
C PRO A 233 -3.88 30.30 12.90
N GLU A 234 -4.68 31.12 13.59
CA GLU A 234 -5.67 30.54 14.50
C GLU A 234 -6.83 29.88 13.76
N ARG A 235 -7.14 30.37 12.57
CA ARG A 235 -8.21 29.77 11.80
C ARG A 235 -7.64 28.41 11.32
N ILE A 236 -6.35 28.40 11.02
CA ILE A 236 -5.66 27.19 10.59
C ILE A 236 -5.73 26.15 11.71
N ARG A 237 -5.46 26.59 12.94
CA ARG A 237 -5.50 25.70 14.09
C ARG A 237 -6.89 25.06 14.21
N ALA A 238 -7.92 25.88 14.06
CA ALA A 238 -9.29 25.39 14.15
C ALA A 238 -9.60 24.35 13.06
N LEU A 239 -9.24 24.67 11.82
CA LEU A 239 -9.52 23.79 10.68
C LEU A 239 -8.74 22.48 10.69
N LEU A 240 -7.54 22.49 11.26
CA LEU A 240 -6.75 21.27 11.35
C LEU A 240 -7.47 20.29 12.27
N LEU A 241 -8.24 20.82 13.22
CA LEU A 241 -8.98 19.95 14.14
C LEU A 241 -10.31 19.53 13.51
N GLU A 242 -11.00 20.49 12.91
CA GLU A 242 -12.28 20.18 12.28
C GLU A 242 -12.11 19.16 11.15
N GLN A 243 -10.97 19.23 10.46
CA GLN A 243 -10.66 18.31 9.37
C GLN A 243 -10.86 16.85 9.78
N ILE A 244 -10.44 16.53 11.00
CA ILE A 244 -10.52 15.16 11.53
C ILE A 244 -11.88 14.49 11.37
N THR A 245 -12.96 15.25 11.60
CA THR A 245 -14.30 14.68 11.47
C THR A 245 -15.08 15.16 10.25
N ALA A 246 -14.45 15.95 9.41
CA ALA A 246 -15.10 16.45 8.20
C ALA A 246 -14.63 15.73 6.95
N PRO A 247 -15.44 15.75 5.88
CA PRO A 247 -15.01 15.06 4.66
C PRO A 247 -13.86 15.80 3.96
N VAL A 248 -13.01 15.04 3.30
CA VAL A 248 -11.87 15.60 2.59
C VAL A 248 -12.34 16.06 1.20
N ARG A 249 -12.53 17.37 1.04
CA ARG A 249 -13.00 17.90 -0.24
C ARG A 249 -11.89 18.07 -1.26
N TRP A 250 -11.27 16.96 -1.62
CA TRP A 250 -10.16 16.98 -2.56
C TRP A 250 -10.53 17.52 -3.94
N VAL A 251 -11.60 16.99 -4.52
CA VAL A 251 -12.05 17.46 -5.84
C VAL A 251 -12.23 18.98 -5.93
N GLU A 252 -12.87 19.57 -4.93
CA GLU A 252 -13.11 21.01 -4.95
C GLU A 252 -11.83 21.84 -4.82
N ILE A 253 -10.84 21.30 -4.10
CA ILE A 253 -9.57 21.99 -3.93
C ILE A 253 -8.90 22.03 -5.30
N LEU A 254 -8.84 20.88 -5.96
CA LEU A 254 -8.24 20.76 -7.29
C LEU A 254 -8.91 21.75 -8.25
N ARG A 255 -10.24 21.70 -8.32
CA ARG A 255 -10.98 22.60 -9.18
C ARG A 255 -10.66 24.06 -8.86
N ASP A 256 -10.67 24.39 -7.58
CA ASP A 256 -10.37 25.77 -7.20
C ASP A 256 -8.97 26.19 -7.63
N MET A 257 -8.00 25.28 -7.49
CA MET A 257 -6.63 25.59 -7.90
C MET A 257 -6.59 25.89 -9.40
N GLU A 258 -7.36 25.13 -10.18
CA GLU A 258 -7.39 25.34 -11.61
C GLU A 258 -7.94 26.71 -11.95
N ALA A 259 -8.98 27.11 -11.21
CA ALA A 259 -9.61 28.42 -11.41
C ALA A 259 -8.61 29.53 -11.11
N ARG A 260 -7.72 29.28 -10.14
CA ARG A 260 -6.70 30.24 -9.76
C ARG A 260 -5.65 30.29 -10.89
N GLY A 261 -5.73 29.34 -11.82
CA GLY A 261 -4.80 29.31 -12.93
C GLY A 261 -3.74 28.20 -12.93
N VAL A 262 -3.75 27.36 -11.90
CA VAL A 262 -2.74 26.30 -11.83
C VAL A 262 -3.04 25.17 -12.81
N LYS A 263 -2.04 24.85 -13.64
CA LYS A 263 -2.19 23.78 -14.64
C LYS A 263 -1.17 22.66 -14.39
N ARG A 264 -0.26 22.88 -13.45
CA ARG A 264 0.74 21.87 -13.14
C ARG A 264 0.71 21.55 -11.65
N PHE A 265 0.82 20.26 -11.33
CA PHE A 265 0.78 19.82 -9.95
C PHE A 265 1.88 18.83 -9.64
N LEU A 266 2.58 19.07 -8.52
CA LEU A 266 3.65 18.17 -8.10
C LEU A 266 3.27 17.54 -6.76
N GLU A 267 3.34 16.20 -6.69
CA GLU A 267 3.01 15.45 -5.48
C GLU A 267 4.32 15.01 -4.84
N PHE A 268 4.58 15.47 -3.62
CA PHE A 268 5.83 15.16 -2.93
C PHE A 268 5.83 14.04 -1.89
N GLY A 269 6.93 13.31 -1.81
CA GLY A 269 7.02 12.28 -0.79
C GLY A 269 7.02 10.81 -1.15
N SER A 270 5.89 10.30 -1.63
CA SER A 270 5.84 8.89 -1.98
C SER A 270 4.51 8.48 -2.55
N GLY A 271 4.56 7.56 -3.50
CA GLY A 271 3.35 7.10 -4.14
C GLY A 271 2.97 8.10 -5.21
N GLU A 272 1.98 7.75 -6.01
CA GLU A 272 1.51 8.59 -7.09
C GLU A 272 -0.01 8.68 -7.03
N VAL A 273 -0.56 8.51 -5.84
CA VAL A 273 -2.00 8.54 -5.64
C VAL A 273 -2.64 9.86 -6.03
N LEU A 274 -2.18 10.95 -5.42
CA LEU A 274 -2.71 12.27 -5.72
C LEU A 274 -2.52 12.62 -7.19
N LYS A 275 -1.42 12.15 -7.77
CA LYS A 275 -1.16 12.41 -9.18
C LYS A 275 -2.31 11.83 -10.00
N GLY A 276 -2.72 10.62 -9.62
CA GLY A 276 -3.81 9.95 -10.33
C GLY A 276 -5.11 10.70 -10.15
N LEU A 277 -5.35 11.22 -8.96
CA LEU A 277 -6.58 11.97 -8.72
C LEU A 277 -6.60 13.25 -9.57
N VAL A 278 -5.46 13.94 -9.65
CA VAL A 278 -5.36 15.16 -10.44
C VAL A 278 -5.80 14.93 -11.90
N LEU A 279 -5.17 13.96 -12.56
CA LEU A 279 -5.46 13.66 -13.96
C LEU A 279 -6.89 13.23 -14.20
N ARG A 280 -7.44 12.47 -13.26
CA ARG A 280 -8.80 11.98 -13.36
C ARG A 280 -9.81 13.11 -13.14
N THR A 281 -9.41 14.09 -12.34
CA THR A 281 -10.23 15.25 -12.00
C THR A 281 -10.05 16.41 -13.00
N LEU A 282 -8.78 16.86 -13.17
CA LEU A 282 -8.48 17.88 -14.19
C LEU A 282 -7.61 17.30 -15.30
N LYS A 283 -8.16 17.34 -16.53
CA LYS A 283 -7.54 16.59 -17.60
C LYS A 283 -6.48 17.37 -18.37
N GLU A 284 -6.69 18.70 -18.52
CA GLU A 284 -5.70 19.47 -19.24
C GLU A 284 -4.48 19.81 -18.35
N ALA A 285 -4.51 19.23 -17.14
CA ALA A 285 -3.42 19.48 -16.21
C ALA A 285 -2.28 18.47 -16.40
N GLU A 286 -1.16 18.85 -15.81
CA GLU A 286 0.04 18.02 -15.82
C GLU A 286 0.33 17.70 -14.36
N ALA A 287 0.61 16.44 -14.06
CA ALA A 287 0.88 16.02 -12.71
C ALA A 287 2.06 15.05 -12.64
N LEU A 288 2.92 15.27 -11.65
CA LEU A 288 4.09 14.41 -11.47
C LEU A 288 4.30 14.16 -9.99
N SER A 289 4.88 13.02 -9.67
CA SER A 289 5.16 12.67 -8.29
C SER A 289 6.66 12.79 -8.06
N VAL A 290 7.07 13.62 -7.11
CA VAL A 290 8.48 13.79 -6.81
C VAL A 290 8.78 12.92 -5.58
N GLN A 291 9.33 11.73 -5.81
CA GLN A 291 9.62 10.82 -4.71
C GLN A 291 11.01 10.21 -4.73
N ASP A 292 11.74 10.43 -5.82
CA ASP A 292 13.10 9.93 -5.96
C ASP A 292 13.86 10.82 -6.96
N PRO A 293 15.18 10.64 -7.06
CA PRO A 293 15.98 11.44 -8.00
C PRO A 293 15.40 11.55 -9.40
N ASP A 294 15.10 10.42 -10.04
CA ASP A 294 14.54 10.48 -11.38
C ASP A 294 13.27 11.34 -11.47
N SER A 295 12.32 11.14 -10.56
CA SER A 295 11.10 11.93 -10.60
C SER A 295 11.44 13.39 -10.30
N LEU A 296 12.36 13.61 -9.37
CA LEU A 296 12.77 14.96 -9.02
C LEU A 296 13.28 15.69 -10.27
N ARG A 297 14.25 15.10 -10.97
CA ARG A 297 14.80 15.73 -12.16
C ARG A 297 13.72 16.01 -13.20
N LYS A 298 12.79 15.06 -13.38
CA LYS A 298 11.71 15.24 -14.33
C LYS A 298 10.89 16.49 -13.99
N ALA A 299 10.62 16.68 -12.70
CA ALA A 299 9.85 17.82 -12.23
C ALA A 299 10.58 19.12 -12.54
N LEU A 300 11.89 19.13 -12.30
CA LEU A 300 12.70 20.32 -12.56
C LEU A 300 12.64 20.69 -14.02
N GLU A 301 12.78 19.69 -14.89
CA GLU A 301 12.73 19.89 -16.33
C GLU A 301 11.48 20.64 -16.76
N VAL A 302 10.32 20.12 -16.36
CA VAL A 302 9.05 20.74 -16.73
C VAL A 302 8.87 22.15 -16.16
N GLU A 303 9.48 22.40 -15.01
CA GLU A 303 9.37 23.71 -14.39
C GLU A 303 10.45 24.67 -14.88
N ARG A 304 11.60 24.12 -15.28
CA ARG A 304 12.72 24.94 -15.76
C ARG A 304 13.92 24.09 -16.14
N ALA A 305 14.22 24.04 -17.44
CA ALA A 305 15.36 23.29 -17.92
C ALA A 305 16.58 24.19 -18.04
N MET B 1 25.38 -17.63 -5.13
CA MET B 1 24.09 -18.32 -4.85
C MET B 1 23.10 -17.38 -4.18
N TYR B 2 22.00 -17.10 -4.87
CA TYR B 2 20.99 -16.23 -4.31
C TYR B 2 19.63 -16.89 -4.56
N ALA B 3 18.62 -16.40 -3.87
CA ALA B 3 17.27 -16.92 -4.02
C ALA B 3 16.37 -15.82 -4.53
N ALA B 4 15.53 -16.14 -5.51
CA ALA B 4 14.61 -15.16 -6.06
C ALA B 4 13.30 -15.26 -5.27
N LEU B 5 12.82 -14.11 -4.82
CA LEU B 5 11.60 -14.03 -4.05
C LEU B 5 10.66 -13.09 -4.79
N PHE B 6 9.39 -13.50 -4.90
CA PHE B 6 8.39 -12.70 -5.59
C PHE B 6 7.25 -12.34 -4.64
N PRO B 7 6.91 -11.05 -4.53
CA PRO B 7 5.85 -10.55 -3.64
C PRO B 7 4.43 -10.95 -3.99
N GLY B 8 3.58 -10.91 -2.97
CA GLY B 8 2.19 -11.24 -3.12
C GLY B 8 1.33 -10.03 -2.80
N GLN B 9 0.07 -10.27 -2.43
CA GLN B 9 -0.86 -9.19 -2.12
C GLN B 9 -0.32 -8.19 -1.11
N GLY B 10 -0.58 -6.91 -1.35
CA GLY B 10 -0.11 -5.87 -0.44
C GLY B 10 1.15 -5.15 -0.90
N SER B 11 1.87 -5.75 -1.84
CA SER B 11 3.09 -5.14 -2.34
C SER B 11 2.85 -4.30 -3.59
N HIS B 12 1.59 -4.11 -3.95
CA HIS B 12 1.22 -3.33 -5.12
C HIS B 12 1.09 -1.85 -4.78
N ARG B 13 0.99 -1.02 -5.81
CA ARG B 13 0.81 0.42 -5.63
C ARG B 13 0.70 1.10 -6.97
N VAL B 14 0.00 2.22 -7.02
CA VAL B 14 -0.14 2.96 -8.27
C VAL B 14 1.27 3.38 -8.66
N GLY B 15 1.64 3.12 -9.91
CA GLY B 15 2.99 3.47 -10.37
C GLY B 15 3.93 2.27 -10.43
N MET B 16 3.50 1.14 -9.86
CA MET B 16 4.31 -0.08 -9.83
C MET B 16 4.80 -0.50 -11.22
N GLY B 17 6.09 -0.83 -11.30
CA GLY B 17 6.67 -1.27 -12.56
C GLY B 17 6.93 -0.21 -13.62
N ARG B 18 6.51 1.02 -13.38
CA ARG B 18 6.71 2.08 -14.36
C ARG B 18 8.19 2.42 -14.60
N ALA B 19 8.94 2.56 -13.52
CA ALA B 19 10.36 2.90 -13.61
C ALA B 19 11.11 1.95 -14.54
N LEU B 20 11.03 0.65 -14.25
CA LEU B 20 11.69 -0.35 -15.07
C LEU B 20 11.15 -0.38 -16.49
N TYR B 21 9.84 -0.17 -16.62
CA TYR B 21 9.20 -0.17 -17.93
C TYR B 21 9.92 0.75 -18.91
N GLU B 22 10.15 2.00 -18.51
CA GLU B 22 10.81 2.95 -19.40
C GLU B 22 12.33 2.90 -19.39
N ALA B 23 12.92 2.15 -18.47
CA ALA B 23 14.36 2.06 -18.39
C ALA B 23 14.90 0.78 -19.00
N SER B 24 14.10 -0.28 -18.96
CA SER B 24 14.53 -1.59 -19.48
C SER B 24 13.60 -2.20 -20.52
N PRO B 25 14.12 -2.39 -21.75
CA PRO B 25 13.32 -2.98 -22.83
C PRO B 25 12.79 -4.37 -22.46
N ALA B 26 13.60 -5.15 -21.75
CA ALA B 26 13.18 -6.49 -21.35
C ALA B 26 11.94 -6.36 -20.46
N ALA B 27 12.01 -5.45 -19.48
CA ALA B 27 10.88 -5.25 -18.58
C ALA B 27 9.69 -4.64 -19.32
N LYS B 28 9.97 -3.68 -20.20
CA LYS B 28 8.91 -3.00 -20.95
C LYS B 28 8.06 -3.95 -21.77
N GLU B 29 8.71 -4.93 -22.40
CA GLU B 29 8.00 -5.88 -23.24
C GLU B 29 7.23 -6.94 -22.45
N VAL B 30 7.68 -7.26 -21.24
CA VAL B 30 6.95 -8.22 -20.44
C VAL B 30 5.60 -7.57 -20.14
N LEU B 31 5.66 -6.32 -19.68
CA LEU B 31 4.47 -5.56 -19.33
C LEU B 31 3.55 -5.27 -20.52
N ASP B 32 4.12 -5.10 -21.71
CA ASP B 32 3.29 -4.87 -22.90
C ASP B 32 2.60 -6.18 -23.24
N ARG B 33 3.27 -7.28 -22.96
CA ARG B 33 2.70 -8.61 -23.21
C ARG B 33 1.57 -8.83 -22.21
N ALA B 34 1.76 -8.28 -21.01
CA ALA B 34 0.78 -8.40 -19.95
C ALA B 34 -0.45 -7.60 -20.32
N GLU B 35 -0.23 -6.42 -20.88
CA GLU B 35 -1.32 -5.54 -21.30
C GLU B 35 -2.07 -6.21 -22.44
N ALA B 36 -1.34 -6.91 -23.29
CA ALA B 36 -1.92 -7.60 -24.42
C ALA B 36 -2.86 -8.71 -23.97
N ALA B 37 -2.43 -9.46 -22.97
CA ALA B 37 -3.24 -10.57 -22.45
C ALA B 37 -4.40 -10.06 -21.61
N LEU B 38 -4.17 -9.01 -20.83
CA LEU B 38 -5.19 -8.45 -19.96
C LEU B 38 -5.41 -6.95 -20.20
N PRO B 39 -6.02 -6.59 -21.35
CA PRO B 39 -6.30 -5.20 -21.70
C PRO B 39 -6.69 -4.34 -20.50
N GLY B 40 -6.04 -3.21 -20.34
CA GLY B 40 -6.35 -2.31 -19.24
C GLY B 40 -5.48 -2.46 -18.00
N LEU B 41 -4.75 -3.57 -17.89
CA LEU B 41 -3.91 -3.82 -16.74
C LEU B 41 -2.96 -2.67 -16.43
N LEU B 42 -2.21 -2.23 -17.45
CA LEU B 42 -1.25 -1.15 -17.27
C LEU B 42 -1.88 0.12 -16.75
N LYS B 43 -3.09 0.44 -17.24
CA LYS B 43 -3.80 1.62 -16.78
C LYS B 43 -4.05 1.50 -15.28
N LEU B 44 -4.53 0.35 -14.84
CA LEU B 44 -4.79 0.13 -13.41
C LEU B 44 -3.50 0.25 -12.60
N MET B 45 -2.46 -0.43 -13.07
CA MET B 45 -1.18 -0.40 -12.38
C MET B 45 -0.60 1.01 -12.27
N TRP B 46 -0.71 1.79 -13.34
CA TRP B 46 -0.14 3.13 -13.32
C TRP B 46 -1.05 4.29 -12.89
N GLU B 47 -2.28 4.31 -13.40
CA GLU B 47 -3.20 5.40 -13.05
C GLU B 47 -4.21 5.03 -11.95
N GLY B 48 -4.51 3.75 -11.80
CA GLY B 48 -5.47 3.34 -10.80
C GLY B 48 -6.86 3.37 -11.38
N PRO B 49 -7.90 3.76 -10.61
CA PRO B 49 -7.84 4.15 -9.20
C PRO B 49 -7.24 3.10 -8.29
N GLU B 50 -6.61 3.57 -7.21
CA GLU B 50 -5.95 2.69 -6.26
C GLU B 50 -6.80 1.51 -5.76
N GLU B 51 -8.02 1.79 -5.33
CA GLU B 51 -8.90 0.74 -4.82
C GLU B 51 -9.18 -0.31 -5.89
N ALA B 52 -9.27 0.13 -7.13
CA ALA B 52 -9.52 -0.76 -8.24
C ALA B 52 -8.33 -1.69 -8.44
N LEU B 53 -7.12 -1.15 -8.24
CA LEU B 53 -5.91 -1.95 -8.39
C LEU B 53 -5.81 -2.92 -7.23
N THR B 54 -6.28 -2.50 -6.07
CA THR B 54 -6.26 -3.35 -4.88
C THR B 54 -7.18 -4.58 -5.00
N LEU B 55 -8.21 -4.49 -5.83
CA LEU B 55 -9.12 -5.62 -6.02
C LEU B 55 -8.24 -6.80 -6.45
N THR B 56 -8.39 -7.94 -5.75
CA THR B 56 -7.58 -9.11 -6.02
C THR B 56 -7.46 -9.55 -7.47
N GLU B 57 -8.53 -9.40 -8.25
CA GLU B 57 -8.47 -9.80 -9.65
C GLU B 57 -7.59 -8.91 -10.51
N ASN B 58 -7.19 -7.76 -9.97
CA ASN B 58 -6.32 -6.85 -10.72
C ASN B 58 -4.96 -6.89 -10.07
N GLN B 59 -4.97 -6.83 -8.75
CA GLN B 59 -3.76 -6.86 -7.95
C GLN B 59 -2.85 -8.05 -8.23
N GLN B 60 -3.43 -9.24 -8.38
CA GLN B 60 -2.62 -10.42 -8.61
C GLN B 60 -1.94 -10.42 -9.98
N PRO B 61 -2.66 -10.10 -11.05
CA PRO B 61 -2.01 -10.09 -12.36
C PRO B 61 -0.90 -9.02 -12.38
N ALA B 62 -1.22 -7.86 -11.80
CA ALA B 62 -0.30 -6.74 -11.76
C ALA B 62 0.99 -7.13 -11.07
N LEU B 63 0.87 -7.80 -9.93
CA LEU B 63 2.03 -8.21 -9.17
C LEU B 63 2.84 -9.25 -9.92
N LEU B 64 2.15 -10.15 -10.60
CA LEU B 64 2.86 -11.19 -11.34
C LEU B 64 3.60 -10.55 -12.50
N ALA B 65 2.93 -9.63 -13.22
CA ALA B 65 3.53 -8.95 -14.36
C ALA B 65 4.78 -8.14 -13.96
N ALA B 66 4.66 -7.36 -12.89
CA ALA B 66 5.78 -6.56 -12.41
C ALA B 66 6.92 -7.46 -11.94
N GLY B 67 6.56 -8.53 -11.23
CA GLY B 67 7.55 -9.47 -10.74
C GLY B 67 8.38 -10.07 -11.86
N TYR B 68 7.71 -10.70 -12.82
CA TYR B 68 8.38 -11.32 -13.96
C TYR B 68 9.16 -10.29 -14.79
N ALA B 69 8.62 -9.08 -14.93
CA ALA B 69 9.28 -8.01 -15.71
C ALA B 69 10.61 -7.63 -15.07
N ALA B 70 10.61 -7.46 -13.76
CA ALA B 70 11.83 -7.11 -13.04
C ALA B 70 12.85 -8.24 -13.21
N TYR B 71 12.38 -9.48 -13.09
CA TYR B 71 13.27 -10.62 -13.23
C TYR B 71 13.88 -10.66 -14.64
N ARG B 72 13.06 -10.45 -15.66
CA ARG B 72 13.55 -10.48 -17.04
C ARG B 72 14.56 -9.34 -17.25
N ALA B 73 14.27 -8.17 -16.69
CA ALA B 73 15.16 -7.03 -16.81
C ALA B 73 16.53 -7.42 -16.28
N PHE B 74 16.52 -8.12 -15.15
CA PHE B 74 17.74 -8.58 -14.49
C PHE B 74 18.50 -9.61 -15.33
N LEU B 75 17.79 -10.58 -15.90
CA LEU B 75 18.45 -11.59 -16.70
C LEU B 75 19.02 -11.03 -18.00
N GLU B 76 18.24 -10.21 -18.69
CA GLU B 76 18.70 -9.64 -19.95
C GLU B 76 19.96 -8.78 -19.73
N ALA B 77 20.09 -8.20 -18.54
CA ALA B 77 21.26 -7.38 -18.25
C ALA B 77 22.46 -8.21 -17.82
N GLY B 78 22.35 -9.52 -17.97
CA GLY B 78 23.45 -10.40 -17.61
C GLY B 78 23.35 -11.04 -16.24
N GLY B 79 22.25 -10.78 -15.53
CA GLY B 79 22.10 -11.36 -14.21
C GLY B 79 21.98 -12.87 -14.32
N LYS B 80 22.40 -13.58 -13.28
CA LYS B 80 22.33 -15.03 -13.28
C LYS B 80 21.05 -15.56 -12.68
N PRO B 81 20.52 -16.68 -13.22
CA PRO B 81 19.29 -17.24 -12.67
C PRO B 81 19.54 -17.67 -11.22
N PRO B 82 18.48 -17.70 -10.40
CA PRO B 82 18.62 -18.08 -9.00
C PRO B 82 18.85 -19.58 -8.77
N ALA B 83 19.42 -19.91 -7.61
CA ALA B 83 19.65 -21.30 -7.25
C ALA B 83 18.30 -21.85 -6.81
N LEU B 84 17.52 -20.99 -6.16
CA LEU B 84 16.23 -21.31 -5.58
C LEU B 84 15.31 -20.10 -5.60
N ALA B 85 14.01 -20.39 -5.76
CA ALA B 85 13.01 -19.33 -5.82
C ALA B 85 11.78 -19.64 -4.97
N ALA B 86 11.11 -18.54 -4.55
CA ALA B 86 9.86 -18.67 -3.84
C ALA B 86 9.02 -17.40 -4.00
N GLY B 87 7.70 -17.57 -3.79
CA GLY B 87 6.80 -16.42 -3.84
C GLY B 87 5.75 -16.49 -2.73
N HIS B 88 5.36 -15.34 -2.19
CA HIS B 88 4.36 -15.26 -1.14
C HIS B 88 2.96 -15.32 -1.75
N SER B 89 2.29 -16.46 -1.56
CA SER B 89 0.94 -16.69 -2.09
C SER B 89 0.91 -16.49 -3.61
N LEU B 90 0.44 -15.33 -4.06
CA LEU B 90 0.42 -15.04 -5.50
C LEU B 90 1.83 -15.14 -6.06
N GLY B 91 2.81 -14.70 -5.26
CA GLY B 91 4.20 -14.74 -5.70
C GLY B 91 4.71 -16.09 -6.13
N GLU B 92 4.14 -17.17 -5.59
CA GLU B 92 4.59 -18.51 -5.96
C GLU B 92 4.34 -18.73 -7.45
N TRP B 93 3.23 -18.21 -7.95
CA TRP B 93 2.91 -18.31 -9.36
C TRP B 93 3.95 -17.57 -10.19
N THR B 94 4.34 -16.40 -9.69
CA THR B 94 5.32 -15.55 -10.37
C THR B 94 6.64 -16.31 -10.47
N ALA B 95 7.01 -17.01 -9.40
CA ALA B 95 8.24 -17.77 -9.37
C ALA B 95 8.19 -18.91 -10.40
N HIS B 96 7.02 -19.51 -10.57
CA HIS B 96 6.92 -20.59 -11.52
C HIS B 96 7.03 -20.10 -12.95
N VAL B 97 6.61 -18.86 -13.21
CA VAL B 97 6.73 -18.31 -14.55
C VAL B 97 8.21 -18.02 -14.82
N ALA B 98 8.88 -17.46 -13.83
CA ALA B 98 10.30 -17.15 -13.98
C ALA B 98 11.06 -18.46 -14.17
N ALA B 99 10.58 -19.52 -13.53
CA ALA B 99 11.22 -20.83 -13.63
C ALA B 99 10.85 -21.57 -14.93
N GLY B 100 9.84 -21.09 -15.63
CA GLY B 100 9.45 -21.73 -16.87
C GLY B 100 8.43 -22.86 -16.74
N THR B 101 7.83 -23.00 -15.56
CA THR B 101 6.83 -24.04 -15.32
C THR B 101 5.60 -23.82 -16.20
N LEU B 102 5.17 -22.57 -16.32
CA LEU B 102 4.04 -22.24 -17.17
C LEU B 102 4.34 -20.90 -17.83
N GLU B 103 3.63 -20.62 -18.92
CA GLU B 103 3.82 -19.39 -19.67
C GLU B 103 3.18 -18.16 -19.02
N LEU B 104 3.77 -17.01 -19.30
CA LEU B 104 3.28 -15.78 -18.69
C LEU B 104 1.82 -15.54 -19.03
N GLU B 105 1.42 -15.63 -20.30
CA GLU B 105 0.03 -15.44 -20.68
C GLU B 105 -0.93 -16.34 -19.89
N ASP B 106 -0.58 -17.63 -19.78
CA ASP B 106 -1.43 -18.55 -19.01
C ASP B 106 -1.52 -18.13 -17.56
N ALA B 107 -0.37 -17.86 -16.95
CA ALA B 107 -0.32 -17.45 -15.56
C ALA B 107 -1.15 -16.17 -15.31
N LEU B 108 -1.00 -15.19 -16.18
CA LEU B 108 -1.75 -13.94 -16.02
C LEU B 108 -3.25 -14.20 -15.99
N ARG B 109 -3.75 -14.98 -16.94
CA ARG B 109 -5.17 -15.27 -16.97
C ARG B 109 -5.57 -16.05 -15.72
N LEU B 110 -4.73 -17.00 -15.34
CA LEU B 110 -4.99 -17.86 -14.17
C LEU B 110 -5.05 -17.06 -12.86
N VAL B 111 -4.14 -16.12 -12.65
CA VAL B 111 -4.16 -15.37 -11.40
C VAL B 111 -5.25 -14.30 -11.35
N ARG B 112 -5.75 -13.88 -12.51
CA ARG B 112 -6.86 -12.93 -12.53
C ARG B 112 -8.09 -13.69 -12.03
N LEU B 113 -8.26 -14.91 -12.52
CA LEU B 113 -9.37 -15.75 -12.10
C LEU B 113 -9.18 -16.06 -10.63
N ARG B 114 -7.96 -16.41 -10.25
CA ARG B 114 -7.66 -16.72 -8.86
C ARG B 114 -8.11 -15.56 -7.98
N GLY B 115 -7.80 -14.34 -8.41
CA GLY B 115 -8.17 -13.16 -7.64
C GLY B 115 -9.67 -12.96 -7.54
N ARG B 116 -10.33 -13.08 -8.67
CA ARG B 116 -11.79 -12.98 -8.74
C ARG B 116 -12.46 -14.07 -7.90
N TYR B 117 -11.97 -15.31 -8.07
CA TYR B 117 -12.51 -16.42 -7.30
C TYR B 117 -12.44 -16.17 -5.79
N MET B 118 -11.24 -15.71 -5.35
CA MET B 118 -11.06 -15.41 -3.93
C MET B 118 -12.00 -14.31 -3.45
N GLN B 119 -12.19 -13.34 -4.34
CA GLN B 119 -13.06 -12.19 -4.08
C GLN B 119 -14.50 -12.60 -3.81
N GLU B 120 -14.99 -13.61 -4.53
CA GLU B 120 -16.38 -14.03 -4.32
C GLU B 120 -16.54 -15.30 -3.50
N ALA B 121 -15.44 -15.79 -2.93
CA ALA B 121 -15.48 -16.99 -2.11
C ALA B 121 -16.49 -16.87 -0.98
N VAL B 122 -16.24 -15.91 -0.10
CA VAL B 122 -17.09 -15.65 1.07
C VAL B 122 -17.87 -14.35 0.86
N PRO B 123 -19.13 -14.31 1.31
CA PRO B 123 -19.92 -13.09 1.14
C PRO B 123 -19.25 -11.88 1.80
N VAL B 124 -19.30 -10.75 1.10
CA VAL B 124 -18.70 -9.52 1.60
C VAL B 124 -19.22 -9.17 2.98
N GLY B 125 -18.36 -9.28 3.99
CA GLY B 125 -18.78 -8.96 5.34
C GLY B 125 -18.72 -10.11 6.32
N GLU B 126 -18.65 -11.34 5.81
CA GLU B 126 -18.61 -12.51 6.69
C GLU B 126 -17.18 -12.95 6.96
N GLY B 127 -16.24 -12.29 6.30
CA GLY B 127 -14.84 -12.62 6.48
C GLY B 127 -14.03 -11.41 6.90
N ALA B 128 -12.96 -11.66 7.64
CA ALA B 128 -12.08 -10.60 8.09
C ALA B 128 -10.67 -11.14 8.14
N MET B 129 -9.71 -10.23 8.22
CA MET B 129 -8.31 -10.60 8.26
C MET B 129 -7.55 -9.61 9.14
N ALA B 130 -6.51 -10.09 9.80
CA ALA B 130 -5.72 -9.22 10.66
C ALA B 130 -4.27 -9.65 10.74
N ALA B 131 -3.37 -8.68 10.69
CA ALA B 131 -1.96 -8.92 10.89
C ALA B 131 -1.56 -8.65 12.34
N VAL B 132 -0.75 -9.56 12.89
CA VAL B 132 -0.39 -9.49 14.30
C VAL B 132 1.12 -9.43 14.49
N LEU B 133 1.58 -8.32 15.11
CA LEU B 133 3.01 -8.21 15.37
C LEU B 133 3.31 -8.10 16.88
N LYS B 134 4.62 -8.17 17.19
CA LYS B 134 5.08 -8.04 18.57
C LYS B 134 4.88 -9.30 19.44
N LEU B 135 4.39 -10.39 18.87
CA LEU B 135 4.17 -11.62 19.63
C LEU B 135 4.65 -12.89 18.93
N PRO B 136 5.22 -13.83 19.69
CA PRO B 136 5.72 -15.09 19.12
C PRO B 136 4.51 -15.96 18.75
N LEU B 137 4.70 -16.84 17.77
CA LEU B 137 3.62 -17.71 17.32
C LEU B 137 2.91 -18.46 18.44
N GLU B 138 3.69 -19.04 19.35
CA GLU B 138 3.16 -19.78 20.48
C GLU B 138 2.02 -19.04 21.19
N GLU B 139 2.28 -17.79 21.57
CA GLU B 139 1.28 -16.95 22.23
C GLU B 139 0.02 -16.71 21.38
N ILE B 140 0.22 -16.53 20.06
CA ILE B 140 -0.97 -16.32 19.21
C ILE B 140 -1.85 -17.56 19.17
N GLN B 141 -1.19 -18.73 19.00
CA GLN B 141 -1.95 -19.96 18.98
C GLN B 141 -2.76 -20.14 20.27
N LYS B 142 -2.09 -19.94 21.40
CA LYS B 142 -2.74 -20.05 22.70
C LYS B 142 -3.97 -19.14 22.75
N ALA B 143 -3.74 -17.85 22.53
CA ALA B 143 -4.82 -16.88 22.55
C ALA B 143 -5.94 -17.27 21.58
N LEU B 144 -5.60 -18.05 20.56
CA LEU B 144 -6.58 -18.42 19.54
C LEU B 144 -7.45 -19.61 19.96
N GLU B 145 -6.95 -20.37 20.96
CA GLU B 145 -7.65 -21.59 21.35
C GLU B 145 -9.11 -21.35 21.73
N GLY B 146 -9.99 -22.24 21.20
CA GLY B 146 -11.39 -22.15 21.58
C GLY B 146 -12.17 -21.23 20.64
N LEU B 147 -11.43 -20.53 19.77
CA LEU B 147 -12.09 -19.61 18.84
C LEU B 147 -12.48 -20.34 17.54
N GLU B 148 -13.70 -20.04 17.07
CA GLU B 148 -14.31 -20.86 16.04
C GLU B 148 -13.66 -20.71 14.65
N GLY B 149 -14.17 -19.75 13.87
CA GLY B 149 -13.78 -19.68 12.47
C GLY B 149 -12.59 -18.75 12.24
N VAL B 150 -11.57 -18.91 13.11
CA VAL B 150 -10.37 -18.10 12.94
C VAL B 150 -9.13 -18.99 12.74
N GLU B 151 -8.28 -18.69 11.76
CA GLU B 151 -7.11 -19.51 11.50
C GLU B 151 -5.82 -18.74 11.23
N ILE B 152 -4.71 -19.44 11.34
CA ILE B 152 -3.39 -18.85 11.07
C ILE B 152 -3.26 -18.88 9.54
N ALA B 153 -3.21 -17.71 8.92
CA ALA B 153 -3.10 -17.61 7.47
C ALA B 153 -1.67 -17.45 6.94
N ASN B 154 -0.84 -16.68 7.66
CA ASN B 154 0.54 -16.49 7.24
C ASN B 154 1.53 -16.57 8.40
N LEU B 155 2.70 -17.14 8.12
CA LEU B 155 3.81 -17.22 9.06
C LEU B 155 4.86 -16.42 8.30
N ASN B 156 4.81 -15.10 8.41
CA ASN B 156 5.72 -14.22 7.69
C ASN B 156 7.06 -13.95 8.37
N ALA B 157 7.01 -13.69 9.67
CA ALA B 157 8.23 -13.44 10.43
C ALA B 157 8.03 -14.00 11.83
N PRO B 158 9.11 -14.16 12.60
CA PRO B 158 8.99 -14.71 13.96
C PRO B 158 7.86 -14.00 14.71
N GLU B 159 7.79 -12.68 14.63
CA GLU B 159 6.73 -11.97 15.32
C GLU B 159 5.79 -11.25 14.37
N GLN B 160 5.58 -11.84 13.20
CA GLN B 160 4.66 -11.30 12.21
C GLN B 160 3.83 -12.46 11.70
N THR B 161 2.58 -12.51 12.15
CA THR B 161 1.69 -13.58 11.76
C THR B 161 0.35 -13.01 11.32
N VAL B 162 -0.27 -13.65 10.33
CA VAL B 162 -1.54 -13.21 9.83
C VAL B 162 -2.61 -14.25 10.14
N ILE B 163 -3.73 -13.78 10.68
CA ILE B 163 -4.84 -14.66 11.00
C ILE B 163 -6.00 -14.23 10.14
N SER B 164 -6.94 -15.15 9.89
CA SER B 164 -8.11 -14.84 9.07
C SER B 164 -9.23 -15.84 9.34
N GLY B 165 -10.43 -15.51 8.88
CA GLY B 165 -11.55 -16.40 9.08
C GLY B 165 -12.87 -15.66 9.17
N ARG B 166 -13.80 -16.20 9.95
CA ARG B 166 -15.10 -15.57 10.14
C ARG B 166 -14.87 -14.20 10.77
N ARG B 167 -15.62 -13.19 10.30
CA ARG B 167 -15.45 -11.82 10.82
C ARG B 167 -15.53 -11.73 12.34
N GLN B 168 -16.62 -12.21 12.91
CA GLN B 168 -16.81 -12.15 14.35
C GLN B 168 -15.70 -12.87 15.10
N ALA B 169 -15.24 -13.99 14.55
CA ALA B 169 -14.18 -14.77 15.17
C ALA B 169 -12.86 -14.01 15.16
N VAL B 170 -12.50 -13.47 13.99
CA VAL B 170 -11.25 -12.72 13.85
C VAL B 170 -11.19 -11.55 14.84
N GLU B 171 -12.32 -10.86 14.99
CA GLU B 171 -12.41 -9.73 15.92
C GLU B 171 -12.06 -10.12 17.35
N GLU B 172 -12.73 -11.15 17.85
CA GLU B 172 -12.50 -11.60 19.22
C GLU B 172 -11.02 -11.91 19.45
N ALA B 173 -10.40 -12.54 18.46
CA ALA B 173 -8.99 -12.89 18.56
C ALA B 173 -8.16 -11.61 18.60
N ALA B 174 -8.57 -10.63 17.80
CA ALA B 174 -7.86 -9.35 17.76
C ALA B 174 -7.87 -8.72 19.15
N GLU B 175 -9.06 -8.62 19.72
CA GLU B 175 -9.22 -8.03 21.05
C GLU B 175 -8.35 -8.76 22.07
N ARG B 176 -8.29 -10.09 21.96
CA ARG B 176 -7.49 -10.90 22.86
C ARG B 176 -6.01 -10.66 22.67
N LEU B 177 -5.60 -10.49 21.41
CA LEU B 177 -4.21 -10.27 21.08
C LEU B 177 -3.75 -8.89 21.55
N LYS B 178 -4.58 -7.88 21.32
CA LYS B 178 -4.25 -6.53 21.75
C LYS B 178 -4.03 -6.60 23.26
N GLU B 179 -4.96 -7.24 23.95
CA GLU B 179 -4.88 -7.41 25.39
C GLU B 179 -3.56 -8.06 25.74
N ARG B 180 -3.12 -8.98 24.88
CA ARG B 180 -1.87 -9.67 25.12
C ARG B 180 -0.68 -8.87 24.59
N ARG B 181 -0.78 -7.55 24.74
CA ARG B 181 0.26 -6.61 24.32
C ARG B 181 0.70 -6.70 22.86
N ALA B 182 -0.18 -7.17 21.99
CA ALA B 182 0.16 -7.29 20.58
C ALA B 182 -0.36 -6.12 19.74
N ARG B 183 0.35 -5.85 18.65
CA ARG B 183 0.01 -4.78 17.73
C ARG B 183 -0.76 -5.43 16.58
N VAL B 184 -1.80 -4.78 16.07
CA VAL B 184 -2.58 -5.37 14.99
C VAL B 184 -3.10 -4.46 13.88
N VAL B 185 -2.90 -4.89 12.64
CA VAL B 185 -3.41 -4.17 11.47
C VAL B 185 -4.63 -4.99 11.08
N PHE B 186 -5.79 -4.50 11.48
CA PHE B 186 -7.05 -5.22 11.26
C PHE B 186 -7.85 -4.74 10.06
N LEU B 187 -8.26 -5.69 9.21
CA LEU B 187 -9.07 -5.38 8.05
C LEU B 187 -10.45 -5.90 8.40
N PRO B 188 -11.38 -5.00 8.76
CA PRO B 188 -12.75 -5.39 9.14
C PRO B 188 -13.58 -6.10 8.08
N VAL B 189 -13.33 -5.78 6.81
CA VAL B 189 -14.05 -6.41 5.72
C VAL B 189 -13.08 -6.90 4.67
N SER B 190 -12.82 -8.21 4.66
CA SER B 190 -11.89 -8.79 3.72
C SER B 190 -12.08 -10.28 3.52
N ALA B 191 -11.78 -10.75 2.31
CA ALA B 191 -11.87 -12.16 2.03
C ALA B 191 -10.91 -12.77 3.03
N PRO B 192 -11.30 -13.91 3.66
CA PRO B 192 -10.44 -14.57 4.65
C PRO B 192 -9.35 -15.40 3.98
N PHE B 193 -8.44 -14.70 3.27
CA PHE B 193 -7.34 -15.34 2.57
C PHE B 193 -6.59 -16.40 3.35
N HIS B 194 -6.26 -17.48 2.66
CA HIS B 194 -5.52 -18.60 3.23
C HIS B 194 -6.15 -19.20 4.49
N SER B 195 -7.45 -19.43 4.43
CA SER B 195 -8.19 -20.06 5.53
C SER B 195 -9.04 -21.11 4.84
N SER B 196 -9.56 -22.07 5.60
CA SER B 196 -10.40 -23.11 5.02
C SER B 196 -11.59 -22.51 4.30
N LEU B 197 -11.94 -21.27 4.65
CA LEU B 197 -13.08 -20.60 4.04
C LEU B 197 -12.88 -20.24 2.56
N MET B 198 -11.64 -20.34 2.09
CA MET B 198 -11.35 -20.03 0.69
C MET B 198 -11.56 -21.25 -0.23
N ALA B 199 -12.05 -22.34 0.37
CA ALA B 199 -12.28 -23.58 -0.37
C ALA B 199 -12.97 -23.40 -1.72
N PRO B 200 -14.10 -22.68 -1.76
CA PRO B 200 -14.75 -22.53 -3.06
C PRO B 200 -13.88 -21.87 -4.15
N ALA B 201 -12.91 -21.07 -3.75
CA ALA B 201 -12.03 -20.44 -4.75
C ALA B 201 -11.10 -21.51 -5.29
N ARG B 202 -10.66 -22.40 -4.41
CA ARG B 202 -9.77 -23.50 -4.78
C ARG B 202 -10.46 -24.43 -5.76
N LYS B 203 -11.66 -24.87 -5.42
CA LYS B 203 -12.41 -25.78 -6.27
C LYS B 203 -12.66 -25.21 -7.65
N ARG B 204 -12.87 -23.90 -7.74
CA ARG B 204 -13.12 -23.29 -9.03
C ARG B 204 -11.89 -23.16 -9.91
N LEU B 205 -10.76 -22.74 -9.32
CA LEU B 205 -9.52 -22.59 -10.08
C LEU B 205 -9.04 -23.94 -10.59
N ALA B 206 -9.40 -25.02 -9.88
CA ALA B 206 -8.98 -26.37 -10.27
C ALA B 206 -9.34 -26.69 -11.72
N GLU B 207 -10.48 -26.21 -12.20
CA GLU B 207 -10.84 -26.50 -13.58
C GLU B 207 -9.96 -25.75 -14.57
N ASP B 208 -9.77 -24.45 -14.34
CA ASP B 208 -8.95 -23.64 -15.22
C ASP B 208 -7.52 -24.14 -15.27
N LEU B 209 -6.97 -24.48 -14.11
CA LEU B 209 -5.60 -24.99 -14.04
C LEU B 209 -5.46 -26.35 -14.71
N ALA B 210 -6.55 -27.11 -14.74
CA ALA B 210 -6.53 -28.45 -15.35
C ALA B 210 -6.28 -28.36 -16.84
N GLN B 211 -6.58 -27.20 -17.42
CA GLN B 211 -6.43 -27.00 -18.86
C GLN B 211 -5.09 -26.42 -19.27
N VAL B 212 -4.24 -26.13 -18.30
CA VAL B 212 -2.95 -25.54 -18.62
C VAL B 212 -1.79 -26.51 -18.52
N PRO B 213 -0.92 -26.51 -19.54
CA PRO B 213 0.23 -27.42 -19.50
C PRO B 213 1.25 -26.85 -18.53
N LEU B 214 1.90 -27.73 -17.78
CA LEU B 214 2.92 -27.31 -16.83
C LEU B 214 4.19 -28.07 -17.17
N ARG B 215 5.33 -27.42 -16.99
CA ARG B 215 6.60 -28.07 -17.29
C ARG B 215 7.50 -28.08 -16.06
N ARG B 216 8.56 -28.88 -16.11
CA ARG B 216 9.49 -28.96 -14.99
C ARG B 216 10.24 -27.63 -14.90
N PRO B 217 10.26 -27.01 -13.72
CA PRO B 217 10.94 -25.72 -13.51
C PRO B 217 12.45 -25.84 -13.73
N ARG B 218 13.03 -24.80 -14.33
CA ARG B 218 14.47 -24.77 -14.58
C ARG B 218 15.28 -24.70 -13.28
N PHE B 219 14.64 -24.24 -12.22
CA PHE B 219 15.26 -24.18 -10.91
C PHE B 219 14.17 -24.51 -9.90
N PRO B 220 14.54 -25.08 -8.74
CA PRO B 220 13.56 -25.45 -7.71
C PRO B 220 12.70 -24.29 -7.23
N VAL B 221 11.40 -24.52 -7.11
CA VAL B 221 10.47 -23.49 -6.66
C VAL B 221 9.72 -24.00 -5.43
N TYR B 222 9.89 -23.30 -4.31
CA TYR B 222 9.23 -23.67 -3.06
C TYR B 222 7.71 -23.56 -3.14
N SER B 223 7.05 -24.35 -2.30
CA SER B 223 5.60 -24.37 -2.17
C SER B 223 5.32 -23.80 -0.79
N ASN B 224 4.37 -22.89 -0.69
CA ASN B 224 4.03 -22.32 0.61
C ASN B 224 3.32 -23.39 1.44
N VAL B 225 2.84 -24.43 0.78
CA VAL B 225 2.14 -25.53 1.45
C VAL B 225 3.15 -26.41 2.20
N THR B 226 4.09 -26.98 1.46
CA THR B 226 5.10 -27.87 2.03
C THR B 226 6.32 -27.18 2.65
N ALA B 227 6.56 -25.94 2.24
CA ALA B 227 7.70 -25.19 2.73
C ALA B 227 8.98 -25.84 2.24
N ARG B 228 8.87 -26.52 1.10
CA ARG B 228 10.01 -27.20 0.48
C ARG B 228 9.96 -27.03 -1.02
N PRO B 229 11.11 -27.18 -1.70
CA PRO B 229 11.13 -27.04 -3.16
C PRO B 229 10.34 -28.13 -3.86
N GLU B 230 9.76 -27.78 -5.00
CA GLU B 230 8.98 -28.71 -5.80
C GLU B 230 9.44 -28.61 -7.25
N GLU B 231 9.46 -29.73 -7.95
CA GLU B 231 9.89 -29.73 -9.35
C GLU B 231 9.03 -30.62 -10.24
N ASP B 232 8.14 -31.39 -9.64
CA ASP B 232 7.27 -32.27 -10.42
C ASP B 232 5.98 -31.53 -10.79
N PRO B 233 5.77 -31.30 -12.09
CA PRO B 233 4.58 -30.59 -12.55
C PRO B 233 3.23 -31.13 -12.05
N GLU B 234 3.09 -32.44 -11.93
CA GLU B 234 1.82 -32.99 -11.46
C GLU B 234 1.59 -32.57 -10.01
N ARG B 235 2.66 -32.60 -9.22
CA ARG B 235 2.58 -32.22 -7.82
C ARG B 235 2.37 -30.71 -7.69
N ILE B 236 3.08 -29.96 -8.52
CA ILE B 236 2.98 -28.50 -8.51
C ILE B 236 1.54 -28.04 -8.73
N ARG B 237 0.88 -28.61 -9.73
CA ARG B 237 -0.50 -28.29 -10.03
C ARG B 237 -1.35 -28.48 -8.77
N ALA B 238 -1.20 -29.65 -8.16
CA ALA B 238 -1.97 -29.95 -6.96
C ALA B 238 -1.63 -28.97 -5.83
N LEU B 239 -0.34 -28.74 -5.62
CA LEU B 239 0.12 -27.83 -4.56
C LEU B 239 -0.34 -26.38 -4.76
N LEU B 240 -0.45 -25.94 -6.01
CA LEU B 240 -0.89 -24.56 -6.27
C LEU B 240 -2.34 -24.37 -5.84
N LEU B 241 -3.14 -25.42 -5.96
CA LEU B 241 -4.54 -25.34 -5.56
C LEU B 241 -4.67 -25.44 -4.04
N GLU B 242 -3.92 -26.37 -3.46
CA GLU B 242 -3.93 -26.59 -2.02
C GLU B 242 -3.48 -25.31 -1.29
N GLN B 243 -2.59 -24.56 -1.93
CA GLN B 243 -2.07 -23.32 -1.35
C GLN B 243 -3.17 -22.32 -0.98
N ILE B 244 -4.21 -22.27 -1.78
CA ILE B 244 -5.28 -21.28 -1.56
C ILE B 244 -5.92 -21.39 -0.16
N THR B 245 -6.06 -22.59 0.39
CA THR B 245 -6.63 -22.75 1.72
C THR B 245 -5.62 -23.04 2.80
N ALA B 246 -4.37 -23.30 2.41
CA ALA B 246 -3.32 -23.61 3.37
C ALA B 246 -2.58 -22.36 3.84
N PRO B 247 -1.96 -22.43 5.03
CA PRO B 247 -1.21 -21.31 5.59
C PRO B 247 0.06 -21.11 4.79
N VAL B 248 0.48 -19.86 4.65
CA VAL B 248 1.72 -19.56 3.93
C VAL B 248 2.87 -19.71 4.91
N ARG B 249 3.66 -20.77 4.74
CA ARG B 249 4.79 -21.01 5.63
C ARG B 249 6.04 -20.28 5.15
N TRP B 250 5.96 -18.95 5.11
CA TRP B 250 7.08 -18.14 4.66
C TRP B 250 8.32 -18.31 5.54
N VAL B 251 8.14 -18.18 6.86
CA VAL B 251 9.26 -18.32 7.80
C VAL B 251 10.03 -19.61 7.53
N GLU B 252 9.32 -20.73 7.43
CA GLU B 252 9.98 -22.01 7.19
C GLU B 252 10.75 -22.01 5.87
N ILE B 253 10.15 -21.46 4.83
CA ILE B 253 10.82 -21.41 3.53
C ILE B 253 12.17 -20.70 3.66
N LEU B 254 12.17 -19.51 4.26
CA LEU B 254 13.39 -18.73 4.43
C LEU B 254 14.45 -19.51 5.20
N ARG B 255 14.02 -20.19 6.26
CA ARG B 255 14.93 -20.98 7.09
C ARG B 255 15.58 -22.08 6.27
N ASP B 256 14.77 -22.80 5.50
CA ASP B 256 15.30 -23.88 4.68
C ASP B 256 16.31 -23.36 3.66
N MET B 257 16.02 -22.21 3.07
CA MET B 257 16.89 -21.58 2.12
C MET B 257 18.23 -21.31 2.75
N GLU B 258 18.16 -20.76 3.96
CA GLU B 258 19.35 -20.43 4.73
C GLU B 258 20.14 -21.73 4.88
N ALA B 259 19.44 -22.80 5.23
CA ALA B 259 20.05 -24.11 5.41
C ALA B 259 20.63 -24.67 4.10
N ARG B 260 20.00 -24.34 2.97
CA ARG B 260 20.50 -24.81 1.68
C ARG B 260 21.80 -24.08 1.35
N GLY B 261 22.08 -23.01 2.10
CA GLY B 261 23.29 -22.26 1.88
C GLY B 261 23.09 -20.94 1.15
N VAL B 262 21.84 -20.47 1.10
CA VAL B 262 21.54 -19.21 0.43
C VAL B 262 21.94 -18.04 1.33
N LYS B 263 22.69 -17.10 0.77
CA LYS B 263 23.15 -15.95 1.54
C LYS B 263 22.55 -14.64 1.07
N ARG B 264 22.16 -14.59 -0.20
CA ARG B 264 21.59 -13.37 -0.77
C ARG B 264 20.17 -13.63 -1.27
N PHE B 265 19.29 -12.66 -1.03
CA PHE B 265 17.90 -12.78 -1.46
C PHE B 265 17.52 -11.57 -2.31
N LEU B 266 16.99 -11.84 -3.50
CA LEU B 266 16.55 -10.79 -4.41
C LEU B 266 15.05 -10.86 -4.58
N GLU B 267 14.36 -9.78 -4.23
CA GLU B 267 12.90 -9.68 -4.33
C GLU B 267 12.53 -8.90 -5.59
N PHE B 268 11.91 -9.56 -6.56
CA PHE B 268 11.58 -8.92 -7.83
C PHE B 268 10.14 -8.41 -8.01
N GLY B 269 10.01 -7.20 -8.52
CA GLY B 269 8.66 -6.70 -8.76
C GLY B 269 8.28 -5.33 -8.27
N SER B 270 7.92 -5.24 -6.99
CA SER B 270 7.52 -3.97 -6.42
C SER B 270 7.41 -4.08 -4.92
N GLY B 271 7.85 -3.04 -4.23
CA GLY B 271 7.79 -3.04 -2.78
C GLY B 271 9.01 -3.71 -2.21
N GLU B 272 9.17 -3.61 -0.90
CA GLU B 272 10.29 -4.24 -0.24
C GLU B 272 9.77 -5.13 0.90
N VAL B 273 8.50 -5.48 0.82
CA VAL B 273 7.85 -6.31 1.83
C VAL B 273 8.62 -7.59 2.17
N LEU B 274 8.87 -8.43 1.17
CA LEU B 274 9.58 -9.68 1.43
C LEU B 274 10.97 -9.42 1.98
N LYS B 275 11.60 -8.32 1.53
CA LYS B 275 12.92 -7.96 2.03
C LYS B 275 12.80 -7.69 3.53
N GLY B 276 11.72 -7.03 3.92
CA GLY B 276 11.49 -6.73 5.32
C GLY B 276 11.33 -8.00 6.13
N LEU B 277 10.71 -9.00 5.53
CA LEU B 277 10.51 -10.28 6.22
C LEU B 277 11.81 -11.06 6.30
N VAL B 278 12.64 -10.95 5.25
CA VAL B 278 13.92 -11.66 5.25
C VAL B 278 14.81 -11.11 6.35
N LEU B 279 14.80 -9.78 6.51
CA LEU B 279 15.63 -9.12 7.51
C LEU B 279 15.21 -9.52 8.92
N ARG B 280 13.92 -9.41 9.20
CA ARG B 280 13.38 -9.73 10.51
C ARG B 280 13.41 -11.24 10.81
N THR B 281 13.71 -12.06 9.80
CA THR B 281 13.78 -13.51 9.99
C THR B 281 15.21 -14.08 9.94
N LEU B 282 16.01 -13.63 8.96
CA LEU B 282 17.40 -14.08 8.89
C LEU B 282 18.36 -12.90 8.98
N LYS B 283 19.31 -12.97 9.95
CA LYS B 283 20.04 -11.74 10.29
C LYS B 283 21.45 -11.66 9.67
N GLU B 284 22.08 -12.82 9.43
CA GLU B 284 23.38 -12.78 8.76
C GLU B 284 23.22 -12.86 7.24
N ALA B 285 22.06 -12.34 6.76
CA ALA B 285 21.75 -12.48 5.35
C ALA B 285 21.54 -11.14 4.66
N GLU B 286 21.74 -11.15 3.34
CA GLU B 286 21.64 -9.94 2.54
C GLU B 286 20.40 -10.00 1.65
N ALA B 287 19.69 -8.88 1.56
CA ALA B 287 18.48 -8.81 0.75
C ALA B 287 18.37 -7.49 0.01
N LEU B 288 17.84 -7.55 -1.21
CA LEU B 288 17.63 -6.36 -2.04
C LEU B 288 16.33 -6.53 -2.78
N SER B 289 15.66 -5.43 -3.08
CA SER B 289 14.41 -5.47 -3.81
C SER B 289 14.60 -4.83 -5.18
N VAL B 290 14.52 -5.65 -6.23
CA VAL B 290 14.69 -5.17 -7.60
C VAL B 290 13.38 -4.66 -8.20
N GLN B 291 13.14 -3.36 -8.07
CA GLN B 291 11.90 -2.76 -8.58
C GLN B 291 12.10 -1.52 -9.45
N ASP B 292 13.33 -1.06 -9.58
CA ASP B 292 13.61 0.11 -10.40
C ASP B 292 15.06 0.05 -10.90
N PRO B 293 15.45 0.96 -11.79
CA PRO B 293 16.82 0.93 -12.31
C PRO B 293 17.93 0.95 -11.26
N ASP B 294 17.80 1.78 -10.23
CA ASP B 294 18.82 1.86 -9.20
C ASP B 294 19.01 0.53 -8.47
N SER B 295 17.93 -0.07 -8.03
CA SER B 295 18.02 -1.34 -7.32
C SER B 295 18.45 -2.43 -8.29
N LEU B 296 18.10 -2.28 -9.56
CA LEU B 296 18.49 -3.25 -10.57
C LEU B 296 20.02 -3.19 -10.67
N ARG B 297 20.53 -1.96 -10.80
CA ARG B 297 21.98 -1.74 -10.90
C ARG B 297 22.71 -2.43 -9.76
N LYS B 298 22.29 -2.16 -8.54
CA LYS B 298 22.91 -2.74 -7.36
C LYS B 298 22.83 -4.27 -7.29
N ALA B 299 21.73 -4.84 -7.78
CA ALA B 299 21.57 -6.31 -7.76
C ALA B 299 22.56 -6.93 -8.73
N LEU B 300 22.72 -6.27 -9.88
CA LEU B 300 23.64 -6.74 -10.91
C LEU B 300 25.09 -6.66 -10.42
N GLU B 301 25.42 -5.61 -9.69
CA GLU B 301 26.78 -5.44 -9.21
C GLU B 301 27.19 -6.59 -8.30
N VAL B 302 26.24 -7.17 -7.57
CA VAL B 302 26.57 -8.27 -6.68
C VAL B 302 26.18 -9.64 -7.20
N GLU B 303 25.37 -9.68 -8.26
CA GLU B 303 24.94 -10.97 -8.80
C GLU B 303 24.88 -11.12 -10.33
N ARG B 304 25.69 -10.34 -11.04
CA ARG B 304 25.71 -10.44 -12.50
C ARG B 304 26.89 -11.27 -13.00
N ALA B 305 26.78 -11.77 -14.22
CA ALA B 305 27.83 -12.59 -14.81
C ALA B 305 28.84 -11.70 -15.54
#